data_5GLW
#
_entry.id   5GLW
#
_cell.length_a   60.823
_cell.length_b   84.193
_cell.length_c   78.413
_cell.angle_alpha   90.00
_cell.angle_beta   109.51
_cell.angle_gamma   90.00
#
_symmetry.space_group_name_H-M   'P 1 21 1'
#
loop_
_entity.id
_entity.type
_entity.pdbx_description
1 polymer galectin
2 branched beta-D-galactopyranose-(1-4)-2-acetamido-2-deoxy-beta-D-glucopyranose
3 water water
#
_entity_poly.entity_id   1
_entity_poly.type   'polypeptide(L)'
_entity_poly.pdbx_seq_one_letter_code
;HHHHHHMATETNYPVPYRSKLTEPFEPGQTLIIKGKTAEDSVRFTINLHNTSADFSGNDVPLHISVRFDEGKIVFNTFSK
GEWGKEERKSNPYKKGDDIDIRIRAHDSKFSISVDQKEVKEYEHRVPLSSVTHFSVDGDILITYIHWGGKYYPVPYESGL
AGDGLAPGKSLLIFATPEKKGKRFHINLLKKNGDIALHFNPRFDEKAIVRNSLISGEWGNEEREGKNPLEKGIGCDLEFR
NEEYAFQIYVDGERFATYAHRLDPHDINGLQIGGDVEVTGIQMV
;
_entity_poly.pdbx_strand_id   A,B
#
loop_
_chem_comp.id
_chem_comp.type
_chem_comp.name
_chem_comp.formula
GAL D-saccharide, beta linking beta-D-galactopyranose 'C6 H12 O6'
NAG D-saccharide, beta linking 2-acetamido-2-deoxy-beta-D-glucopyranose 'C8 H15 N O6'
#
# COMPACT_ATOMS: atom_id res chain seq x y z
N MET A 7 13.46 -25.16 3.65
CA MET A 7 13.37 -26.49 4.32
C MET A 7 12.40 -26.43 5.50
N ALA A 8 11.49 -27.39 5.56
CA ALA A 8 10.50 -27.44 6.63
C ALA A 8 10.10 -28.88 6.93
N THR A 9 10.40 -29.33 8.15
CA THR A 9 10.08 -30.69 8.59
C THR A 9 10.87 -31.74 7.80
N GLU A 10 11.20 -32.84 8.45
CA GLU A 10 11.95 -33.92 7.82
C GLU A 10 11.17 -35.24 7.91
N THR A 11 11.26 -35.88 9.06
CA THR A 11 10.57 -37.15 9.30
C THR A 11 11.03 -38.22 8.30
N ASN A 12 10.22 -38.45 7.28
CA ASN A 12 10.55 -39.45 6.27
C ASN A 12 10.56 -38.88 4.85
N TYR A 13 11.36 -39.50 3.99
CA TYR A 13 11.48 -39.08 2.60
C TYR A 13 12.21 -37.75 2.40
N PRO A 14 13.25 -37.49 3.21
CA PRO A 14 13.97 -36.23 3.05
C PRO A 14 14.76 -36.20 1.74
N VAL A 15 14.80 -35.04 1.10
CA VAL A 15 15.53 -34.90 -0.16
C VAL A 15 16.96 -34.43 0.15
N PRO A 16 17.93 -34.83 -0.71
CA PRO A 16 17.75 -35.67 -1.89
C PRO A 16 17.33 -37.09 -1.55
N TYR A 17 16.25 -37.57 -2.17
CA TYR A 17 15.78 -38.93 -1.92
C TYR A 17 16.33 -39.85 -3.01
N ARG A 18 16.87 -40.99 -2.60
CA ARG A 18 17.43 -41.97 -3.52
C ARG A 18 16.96 -43.36 -3.11
N SER A 19 16.37 -44.10 -4.04
CA SER A 19 15.89 -45.45 -3.74
C SER A 19 16.30 -46.49 -4.79
N LYS A 20 16.85 -47.60 -4.33
CA LYS A 20 17.27 -48.68 -5.22
C LYS A 20 16.13 -49.68 -5.30
N LEU A 21 15.62 -49.91 -6.51
CA LEU A 21 14.51 -50.84 -6.71
C LEU A 21 14.90 -52.28 -6.40
N THR A 22 13.99 -53.01 -5.76
CA THR A 22 14.21 -54.41 -5.41
C THR A 22 14.33 -55.21 -6.69
N GLU A 23 13.48 -54.88 -7.66
CA GLU A 23 13.46 -55.55 -8.95
C GLU A 23 13.20 -54.53 -10.05
N PRO A 24 13.50 -54.88 -11.30
CA PRO A 24 13.29 -53.99 -12.44
C PRO A 24 11.90 -53.38 -12.54
N PHE A 25 11.84 -52.15 -13.00
CA PHE A 25 10.57 -51.44 -13.19
C PHE A 25 9.98 -52.08 -14.45
N GLU A 26 8.82 -52.72 -14.30
CA GLU A 26 8.21 -53.42 -15.42
C GLU A 26 6.89 -52.81 -15.91
N PRO A 27 6.52 -53.11 -17.16
CA PRO A 27 5.27 -52.60 -17.73
C PRO A 27 4.12 -52.95 -16.79
N GLY A 28 3.27 -51.97 -16.51
CA GLY A 28 2.13 -52.21 -15.63
C GLY A 28 2.33 -51.64 -14.24
N GLN A 29 3.59 -51.37 -13.88
CA GLN A 29 3.91 -50.81 -12.58
C GLN A 29 3.82 -49.30 -12.60
N THR A 30 3.47 -48.72 -11.45
CA THR A 30 3.33 -47.28 -11.30
C THR A 30 4.18 -46.75 -10.16
N LEU A 31 4.73 -45.55 -10.35
CA LEU A 31 5.53 -44.89 -9.32
C LEU A 31 4.72 -43.64 -8.96
N ILE A 32 4.33 -43.53 -7.69
CA ILE A 32 3.54 -42.39 -7.23
C ILE A 32 4.37 -41.51 -6.32
N ILE A 33 4.37 -40.21 -6.58
CA ILE A 33 5.12 -39.27 -5.78
C ILE A 33 4.24 -38.09 -5.40
N LYS A 34 4.03 -37.93 -4.09
CA LYS A 34 3.22 -36.83 -3.56
C LYS A 34 4.10 -35.97 -2.64
N GLY A 35 3.82 -34.67 -2.62
CA GLY A 35 4.62 -33.78 -1.79
C GLY A 35 4.04 -32.37 -1.72
N LYS A 36 4.70 -31.52 -0.95
CA LYS A 36 4.27 -30.14 -0.79
C LYS A 36 5.38 -29.20 -1.23
N THR A 37 5.00 -28.06 -1.80
CA THR A 37 6.00 -27.08 -2.22
C THR A 37 5.78 -25.83 -1.38
N ALA A 38 6.73 -24.91 -1.40
CA ALA A 38 6.62 -23.68 -0.62
C ALA A 38 6.45 -22.47 -1.54
N GLU A 39 6.13 -21.32 -0.93
CA GLU A 39 5.94 -20.08 -1.68
C GLU A 39 7.18 -19.71 -2.50
N ASP A 40 8.35 -20.14 -2.06
CA ASP A 40 9.56 -19.79 -2.78
C ASP A 40 10.21 -20.95 -3.55
N SER A 41 9.50 -22.08 -3.65
CA SER A 41 10.02 -23.23 -4.38
C SER A 41 10.25 -22.77 -5.83
N VAL A 42 11.37 -23.16 -6.41
CA VAL A 42 11.66 -22.79 -7.80
C VAL A 42 11.46 -23.99 -8.74
N ARG A 43 11.89 -25.17 -8.29
CA ARG A 43 11.75 -26.38 -9.09
C ARG A 43 12.22 -27.61 -8.33
N PHE A 44 11.83 -28.78 -8.82
CA PHE A 44 12.26 -30.06 -8.25
C PHE A 44 12.28 -31.10 -9.35
N THR A 45 13.00 -32.18 -9.15
CA THR A 45 13.10 -33.20 -10.16
C THR A 45 12.80 -34.61 -9.69
N ILE A 46 12.42 -35.45 -10.65
CA ILE A 46 12.13 -36.85 -10.40
C ILE A 46 12.88 -37.61 -11.48
N ASN A 47 13.73 -38.54 -11.08
CA ASN A 47 14.51 -39.29 -12.05
C ASN A 47 14.46 -40.79 -11.88
N LEU A 48 14.38 -41.47 -13.01
CA LEU A 48 14.41 -42.93 -13.07
C LEU A 48 15.80 -43.08 -13.67
N HIS A 49 16.71 -43.68 -12.91
CA HIS A 49 18.10 -43.81 -13.34
C HIS A 49 18.68 -45.23 -13.26
N ASN A 50 19.76 -45.43 -14.00
CA ASN A 50 20.47 -46.71 -14.08
C ASN A 50 21.33 -46.95 -12.85
N THR A 51 22.60 -47.27 -13.06
CA THR A 51 23.53 -47.54 -11.96
C THR A 51 23.13 -48.83 -11.25
N SER A 52 24.13 -49.64 -10.88
CA SER A 52 23.86 -50.89 -10.19
C SER A 52 23.62 -50.66 -8.70
N ALA A 53 24.58 -49.99 -8.05
CA ALA A 53 24.48 -49.71 -6.63
C ALA A 53 24.46 -48.20 -6.36
N ASP A 54 25.54 -47.53 -6.76
CA ASP A 54 25.66 -46.09 -6.56
C ASP A 54 26.77 -45.48 -7.40
N PHE A 55 26.91 -45.94 -8.65
CA PHE A 55 27.94 -45.43 -9.54
C PHE A 55 27.75 -43.93 -9.76
N SER A 56 26.49 -43.51 -9.91
CA SER A 56 26.15 -42.11 -10.11
C SER A 56 26.83 -41.50 -11.33
N GLY A 57 26.04 -41.27 -12.38
CA GLY A 57 26.58 -40.70 -13.60
C GLY A 57 26.18 -41.51 -14.81
N ASN A 58 25.48 -42.61 -14.57
CA ASN A 58 25.04 -43.49 -15.65
C ASN A 58 23.82 -42.90 -16.35
N ASP A 59 23.15 -43.75 -17.11
CA ASP A 59 21.96 -43.35 -17.88
C ASP A 59 20.78 -42.93 -17.01
N VAL A 60 19.96 -42.04 -17.58
CA VAL A 60 18.76 -41.57 -16.91
C VAL A 60 17.57 -41.80 -17.84
N PRO A 61 16.92 -42.97 -17.74
CA PRO A 61 15.75 -43.36 -18.54
C PRO A 61 14.49 -42.66 -18.06
N LEU A 62 14.46 -41.35 -18.25
CA LEU A 62 13.35 -40.46 -17.90
C LEU A 62 13.70 -39.53 -16.76
N HIS A 63 13.87 -38.26 -17.13
CA HIS A 63 14.16 -37.20 -16.19
C HIS A 63 12.95 -36.28 -16.28
N ILE A 64 12.39 -35.93 -15.12
CA ILE A 64 11.24 -35.04 -15.08
C ILE A 64 11.60 -33.81 -14.26
N SER A 65 11.45 -32.64 -14.86
CA SER A 65 11.74 -31.39 -14.17
C SER A 65 10.46 -30.56 -14.11
N VAL A 66 10.00 -30.27 -12.90
CA VAL A 66 8.80 -29.47 -12.70
C VAL A 66 9.35 -28.09 -12.37
N ARG A 67 9.08 -27.14 -13.25
CA ARG A 67 9.61 -25.80 -13.09
C ARG A 67 8.56 -24.75 -12.81
N PHE A 68 8.72 -24.06 -11.68
CA PHE A 68 7.78 -23.01 -11.29
C PHE A 68 8.17 -21.69 -11.94
N ASP A 69 9.46 -21.53 -12.20
CA ASP A 69 9.96 -20.31 -12.85
C ASP A 69 9.46 -20.30 -14.30
N GLU A 70 9.73 -21.39 -15.00
CA GLU A 70 9.35 -21.55 -16.41
C GLU A 70 7.85 -21.85 -16.57
N GLY A 71 7.24 -22.39 -15.52
CA GLY A 71 5.83 -22.74 -15.58
C GLY A 71 5.58 -23.94 -16.46
N LYS A 72 6.54 -24.87 -16.50
CA LYS A 72 6.43 -26.06 -17.34
C LYS A 72 6.94 -27.32 -16.64
N ILE A 73 6.56 -28.48 -17.17
CA ILE A 73 7.04 -29.76 -16.69
C ILE A 73 7.82 -30.25 -17.90
N VAL A 74 9.10 -30.53 -17.71
CA VAL A 74 9.99 -30.92 -18.79
C VAL A 74 10.51 -32.35 -18.65
N PHE A 75 10.46 -33.09 -19.76
CA PHE A 75 10.91 -34.48 -19.80
C PHE A 75 12.10 -34.70 -20.72
N ASN A 76 13.03 -35.55 -20.32
CA ASN A 76 14.20 -35.82 -21.15
C ASN A 76 14.87 -37.12 -20.74
N THR A 77 15.82 -37.53 -21.54
CA THR A 77 16.59 -38.73 -21.27
C THR A 77 18.07 -38.43 -21.39
N PHE A 78 18.87 -39.05 -20.53
CA PHE A 78 20.32 -38.88 -20.55
C PHE A 78 20.88 -40.28 -20.82
N SER A 79 21.71 -40.40 -21.86
CA SER A 79 22.30 -41.68 -22.19
C SER A 79 23.59 -41.50 -22.98
N LYS A 80 24.54 -42.41 -22.76
CA LYS A 80 25.82 -42.35 -23.43
C LYS A 80 26.47 -40.98 -23.28
N GLY A 81 26.40 -40.43 -22.08
CA GLY A 81 27.01 -39.14 -21.81
C GLY A 81 26.34 -37.89 -22.35
N GLU A 82 25.12 -37.99 -22.85
CA GLU A 82 24.46 -36.82 -23.39
C GLU A 82 22.93 -36.81 -23.29
N TRP A 83 22.38 -35.59 -23.22
CA TRP A 83 20.95 -35.39 -23.13
C TRP A 83 20.32 -35.34 -24.51
N GLY A 84 19.05 -35.73 -24.60
CA GLY A 84 18.35 -35.67 -25.87
C GLY A 84 17.59 -34.34 -25.90
N LYS A 85 16.60 -34.23 -26.79
CA LYS A 85 15.82 -33.00 -26.84
C LYS A 85 14.65 -33.06 -25.87
N GLU A 86 14.52 -32.02 -25.06
CA GLU A 86 13.47 -31.95 -24.07
C GLU A 86 12.08 -31.89 -24.70
N GLU A 87 11.09 -32.40 -23.98
CA GLU A 87 9.70 -32.37 -24.42
C GLU A 87 9.02 -31.68 -23.24
N ARG A 88 8.10 -30.75 -23.52
CA ARG A 88 7.46 -30.00 -22.44
C ARG A 88 5.93 -29.99 -22.43
N LYS A 89 5.39 -29.76 -21.24
CA LYS A 89 3.94 -29.64 -21.02
C LYS A 89 3.79 -28.52 -20.01
N SER A 90 2.61 -27.93 -19.96
CA SER A 90 2.38 -26.85 -19.01
C SER A 90 2.36 -27.39 -17.59
N ASN A 91 2.79 -26.57 -16.63
CA ASN A 91 2.82 -26.92 -15.22
C ASN A 91 1.56 -26.32 -14.61
N PRO A 92 0.61 -27.18 -14.19
CA PRO A 92 -0.64 -26.69 -13.59
C PRO A 92 -0.51 -26.16 -12.17
N TYR A 93 0.64 -26.39 -11.56
CA TYR A 93 0.88 -25.97 -10.18
C TYR A 93 1.46 -24.57 -10.02
N LYS A 94 1.00 -23.89 -8.97
CA LYS A 94 1.46 -22.56 -8.61
C LYS A 94 2.40 -22.82 -7.43
N LYS A 95 3.40 -21.96 -7.26
CA LYS A 95 4.34 -22.11 -6.14
C LYS A 95 3.48 -22.31 -4.90
N GLY A 96 3.74 -23.38 -4.17
CA GLY A 96 2.95 -23.69 -3.01
C GLY A 96 2.03 -24.81 -3.49
N ASP A 97 0.97 -25.10 -2.75
CA ASP A 97 0.04 -26.17 -3.11
C ASP A 97 0.73 -27.51 -3.36
N ASP A 98 0.03 -28.58 -3.00
CA ASP A 98 0.55 -29.92 -3.12
C ASP A 98 0.65 -30.45 -4.55
N ILE A 99 1.56 -31.41 -4.74
CA ILE A 99 1.75 -32.00 -6.05
C ILE A 99 1.54 -33.51 -5.98
N ASP A 100 1.09 -34.07 -7.09
CA ASP A 100 0.81 -35.50 -7.19
C ASP A 100 1.24 -35.95 -8.57
N ILE A 101 2.40 -36.59 -8.65
CA ILE A 101 2.91 -37.07 -9.93
C ILE A 101 2.97 -38.58 -9.95
N ARG A 102 2.42 -39.17 -11.02
CA ARG A 102 2.41 -40.62 -11.15
C ARG A 102 2.94 -41.07 -12.50
N ILE A 103 3.88 -42.00 -12.46
CA ILE A 103 4.51 -42.52 -13.67
C ILE A 103 4.22 -44.01 -13.81
N ARG A 104 3.50 -44.38 -14.86
CA ARG A 104 3.20 -45.79 -15.11
C ARG A 104 3.98 -46.28 -16.32
N ALA A 105 4.68 -47.39 -16.14
CA ALA A 105 5.47 -47.96 -17.22
C ALA A 105 4.61 -48.87 -18.11
N HIS A 106 4.82 -48.77 -19.43
CA HIS A 106 4.13 -49.61 -20.39
C HIS A 106 5.25 -50.12 -21.29
N ASP A 107 4.94 -51.03 -22.22
CA ASP A 107 6.01 -51.55 -23.07
C ASP A 107 6.59 -50.58 -24.10
N SER A 108 5.87 -49.53 -24.46
CA SER A 108 6.39 -48.59 -25.46
C SER A 108 6.60 -47.16 -24.96
N LYS A 109 6.11 -46.88 -23.76
CA LYS A 109 6.20 -45.53 -23.22
C LYS A 109 5.94 -45.49 -21.73
N PHE A 110 6.12 -44.30 -21.16
CA PHE A 110 5.81 -44.04 -19.75
C PHE A 110 4.58 -43.15 -19.87
N SER A 111 3.58 -43.38 -19.03
CA SER A 111 2.37 -42.57 -19.04
C SER A 111 2.43 -41.74 -17.76
N ILE A 112 2.55 -40.43 -17.89
CA ILE A 112 2.66 -39.56 -16.73
C ILE A 112 1.41 -38.75 -16.42
N SER A 113 0.93 -38.85 -15.18
CA SER A 113 -0.25 -38.14 -14.75
C SER A 113 0.07 -37.10 -13.69
N VAL A 114 -0.61 -35.96 -13.76
CA VAL A 114 -0.43 -34.88 -12.78
C VAL A 114 -1.83 -34.62 -12.21
N ASP A 115 -1.96 -34.75 -10.89
CA ASP A 115 -3.26 -34.58 -10.23
C ASP A 115 -4.22 -35.64 -10.77
N GLN A 116 -3.68 -36.82 -11.05
CA GLN A 116 -4.46 -37.95 -11.55
C GLN A 116 -5.01 -37.79 -12.96
N LYS A 117 -4.47 -36.83 -13.69
CA LYS A 117 -4.90 -36.61 -15.07
C LYS A 117 -3.72 -36.91 -15.99
N GLU A 118 -3.93 -37.80 -16.96
CA GLU A 118 -2.86 -38.14 -17.89
C GLU A 118 -2.45 -36.88 -18.62
N VAL A 119 -1.17 -36.54 -18.59
CA VAL A 119 -0.71 -35.33 -19.28
C VAL A 119 0.39 -35.59 -20.30
N LYS A 120 1.11 -36.69 -20.15
CA LYS A 120 2.21 -36.97 -21.06
C LYS A 120 2.46 -38.45 -21.33
N GLU A 121 2.70 -38.76 -22.59
CA GLU A 121 3.06 -40.11 -23.02
C GLU A 121 4.49 -39.94 -23.53
N TYR A 122 5.45 -40.44 -22.77
CA TYR A 122 6.87 -40.33 -23.14
C TYR A 122 7.34 -41.68 -23.69
N GLU A 123 7.61 -41.72 -24.99
CA GLU A 123 8.04 -42.95 -25.63
C GLU A 123 9.43 -43.33 -25.12
N HIS A 124 9.65 -44.62 -24.87
CA HIS A 124 10.94 -45.07 -24.37
C HIS A 124 12.04 -44.72 -25.38
N ARG A 125 13.11 -44.11 -24.88
CA ARG A 125 14.22 -43.76 -25.75
C ARG A 125 15.37 -44.75 -25.52
N VAL A 126 15.45 -45.28 -24.31
CA VAL A 126 16.46 -46.29 -23.96
C VAL A 126 15.69 -47.37 -23.19
N PRO A 127 16.29 -48.55 -23.00
CA PRO A 127 15.62 -49.64 -22.28
C PRO A 127 15.06 -49.33 -20.89
N LEU A 128 13.79 -49.65 -20.71
CA LEU A 128 13.10 -49.47 -19.43
C LEU A 128 13.79 -50.33 -18.37
N SER A 129 14.35 -51.46 -18.81
CA SER A 129 15.03 -52.37 -17.90
C SER A 129 16.31 -51.74 -17.31
N SER A 130 16.75 -50.64 -17.89
CA SER A 130 17.94 -49.96 -17.37
C SER A 130 17.63 -49.21 -16.08
N VAL A 131 16.35 -48.94 -15.85
CA VAL A 131 15.92 -48.24 -14.64
C VAL A 131 16.10 -49.13 -13.41
N THR A 132 17.08 -48.81 -12.58
CA THR A 132 17.34 -49.58 -11.37
C THR A 132 17.18 -48.74 -10.11
N HIS A 133 17.02 -47.43 -10.28
CA HIS A 133 16.88 -46.51 -9.16
C HIS A 133 15.95 -45.36 -9.52
N PHE A 134 15.45 -44.67 -8.50
CA PHE A 134 14.65 -43.49 -8.72
C PHE A 134 15.04 -42.49 -7.64
N SER A 135 15.13 -41.22 -8.04
CA SER A 135 15.52 -40.15 -7.13
C SER A 135 14.58 -38.98 -7.28
N VAL A 136 14.44 -38.22 -6.20
CA VAL A 136 13.62 -37.03 -6.16
C VAL A 136 14.44 -35.99 -5.40
N ASP A 137 14.56 -34.78 -5.96
CA ASP A 137 15.34 -33.72 -5.30
C ASP A 137 14.77 -32.35 -5.66
N GLY A 138 15.21 -31.32 -4.95
CA GLY A 138 14.72 -29.99 -5.24
C GLY A 138 13.82 -29.39 -4.18
N ASP A 139 13.13 -28.31 -4.56
CA ASP A 139 12.25 -27.59 -3.64
C ASP A 139 10.92 -28.29 -3.41
N ILE A 140 10.97 -29.44 -2.75
CA ILE A 140 9.77 -30.21 -2.47
C ILE A 140 9.92 -31.02 -1.18
N LEU A 141 8.82 -31.16 -0.45
CA LEU A 141 8.81 -31.95 0.78
C LEU A 141 7.93 -33.14 0.44
N ILE A 142 8.55 -34.32 0.34
CA ILE A 142 7.85 -35.56 -0.02
C ILE A 142 7.00 -36.12 1.09
N THR A 143 5.72 -36.36 0.79
CA THR A 143 4.80 -36.88 1.78
C THR A 143 4.39 -38.33 1.50
N TYR A 144 4.59 -38.80 0.27
CA TYR A 144 4.22 -40.17 -0.09
C TYR A 144 4.94 -40.63 -1.34
N ILE A 145 5.52 -41.83 -1.25
CA ILE A 145 6.23 -42.43 -2.37
C ILE A 145 5.87 -43.90 -2.39
N HIS A 146 5.45 -44.40 -3.56
CA HIS A 146 5.11 -45.80 -3.68
C HIS A 146 5.27 -46.28 -5.11
N TRP A 147 5.89 -47.45 -5.26
CA TRP A 147 6.05 -48.02 -6.58
C TRP A 147 5.56 -49.46 -6.50
N GLY A 148 4.72 -49.84 -7.45
CA GLY A 148 4.18 -51.18 -7.46
C GLY A 148 3.02 -51.30 -8.43
N GLY A 149 2.10 -52.20 -8.14
CA GLY A 149 0.97 -52.40 -9.01
C GLY A 149 1.35 -53.31 -10.16
N LYS A 150 0.43 -53.49 -11.09
CA LYS A 150 0.65 -54.34 -12.26
C LYS A 150 -0.57 -54.17 -13.13
N TYR A 151 -0.65 -54.93 -14.22
CA TYR A 151 -1.82 -54.86 -15.08
C TYR A 151 -2.88 -55.76 -14.46
N TYR A 152 -3.87 -55.16 -13.80
CA TYR A 152 -4.92 -55.93 -13.17
C TYR A 152 -6.03 -56.17 -14.17
N PRO A 153 -6.32 -57.45 -14.50
CA PRO A 153 -7.39 -57.70 -15.46
C PRO A 153 -8.75 -57.44 -14.80
N VAL A 154 -9.69 -56.93 -15.58
CA VAL A 154 -11.04 -56.67 -15.05
C VAL A 154 -12.08 -57.24 -16.01
N PRO A 155 -13.10 -57.95 -15.49
CA PRO A 155 -13.39 -58.29 -14.08
C PRO A 155 -12.20 -58.90 -13.36
N TYR A 156 -12.06 -58.52 -12.08
CA TYR A 156 -10.99 -58.99 -11.23
C TYR A 156 -11.56 -59.71 -10.02
N GLU A 157 -10.83 -60.69 -9.50
CA GLU A 157 -11.28 -61.42 -8.33
C GLU A 157 -10.10 -62.07 -7.65
N SER A 158 -10.04 -61.94 -6.33
CA SER A 158 -8.93 -62.53 -5.57
C SER A 158 -9.27 -62.63 -4.09
N GLY A 159 -8.53 -63.48 -3.39
CA GLY A 159 -8.74 -63.62 -1.96
C GLY A 159 -7.93 -62.53 -1.31
N LEU A 160 -8.27 -62.17 -0.07
CA LEU A 160 -7.53 -61.14 0.64
C LEU A 160 -6.68 -61.75 1.73
N ALA A 161 -5.36 -61.59 1.60
CA ALA A 161 -4.37 -62.09 2.55
C ALA A 161 -4.83 -63.35 3.28
N GLY A 162 -4.49 -63.43 4.56
CA GLY A 162 -4.88 -64.58 5.37
C GLY A 162 -5.88 -64.11 6.41
N ASP A 163 -5.79 -62.83 6.74
CA ASP A 163 -6.67 -62.22 7.72
C ASP A 163 -7.68 -61.30 7.03
N GLY A 164 -7.43 -61.01 5.76
CA GLY A 164 -8.32 -60.18 4.99
C GLY A 164 -8.47 -58.76 5.51
N LEU A 165 -9.56 -58.10 5.10
CA LEU A 165 -9.82 -56.73 5.53
C LEU A 165 -10.35 -56.81 6.96
N ALA A 166 -9.45 -56.99 7.91
CA ALA A 166 -9.83 -57.09 9.32
C ALA A 166 -9.96 -55.71 9.98
N PRO A 167 -10.62 -55.66 11.15
CA PRO A 167 -10.77 -54.37 11.83
C PRO A 167 -9.41 -53.71 12.03
N GLY A 168 -9.38 -52.40 11.86
CA GLY A 168 -8.13 -51.66 12.01
C GLY A 168 -7.32 -51.65 10.73
N LYS A 169 -7.77 -52.37 9.71
CA LYS A 169 -7.07 -52.41 8.44
C LYS A 169 -7.86 -51.70 7.35
N SER A 170 -7.20 -51.44 6.22
CA SER A 170 -7.85 -50.77 5.10
C SER A 170 -7.37 -51.31 3.77
N LEU A 171 -8.29 -51.35 2.80
CA LEU A 171 -7.98 -51.82 1.46
C LEU A 171 -7.83 -50.57 0.60
N LEU A 172 -6.70 -50.45 -0.07
CA LEU A 172 -6.42 -49.29 -0.90
C LEU A 172 -6.45 -49.73 -2.36
N ILE A 173 -7.26 -49.04 -3.16
CA ILE A 173 -7.37 -49.38 -4.58
C ILE A 173 -7.15 -48.13 -5.43
N PHE A 174 -6.25 -48.26 -6.41
CA PHE A 174 -5.95 -47.17 -7.34
C PHE A 174 -6.65 -47.55 -8.63
N ALA A 175 -7.57 -46.71 -9.08
CA ALA A 175 -8.29 -47.03 -10.29
C ALA A 175 -8.66 -45.77 -11.07
N THR A 176 -9.06 -45.98 -12.32
CA THR A 176 -9.47 -44.90 -13.18
C THR A 176 -10.75 -45.29 -13.89
N PRO A 177 -11.87 -44.63 -13.55
CA PRO A 177 -13.10 -45.01 -14.24
C PRO A 177 -12.91 -44.68 -15.72
N GLU A 178 -13.33 -45.60 -16.58
CA GLU A 178 -13.16 -45.41 -18.02
C GLU A 178 -13.83 -44.15 -18.54
N LYS A 179 -13.14 -43.46 -19.45
CA LYS A 179 -13.65 -42.21 -20.03
C LYS A 179 -15.07 -42.33 -20.56
N LYS A 180 -15.39 -43.47 -21.15
CA LYS A 180 -16.73 -43.66 -21.71
C LYS A 180 -17.52 -44.69 -20.90
N GLY A 181 -17.11 -44.91 -19.65
CA GLY A 181 -17.79 -45.86 -18.80
C GLY A 181 -19.06 -45.32 -18.18
N LYS A 182 -19.95 -46.22 -17.77
CA LYS A 182 -21.22 -45.84 -17.17
C LYS A 182 -21.19 -46.12 -15.67
N ARG A 183 -20.63 -47.26 -15.31
CA ARG A 183 -20.54 -47.66 -13.91
C ARG A 183 -19.52 -48.77 -13.72
N PHE A 184 -19.15 -48.99 -12.45
CA PHE A 184 -18.22 -50.05 -12.09
C PHE A 184 -18.48 -50.35 -10.62
N HIS A 185 -17.97 -51.48 -10.15
CA HIS A 185 -18.20 -51.83 -8.75
C HIS A 185 -17.04 -52.57 -8.11
N ILE A 186 -17.03 -52.52 -6.78
CA ILE A 186 -16.02 -53.19 -5.98
C ILE A 186 -16.79 -53.93 -4.88
N ASN A 187 -16.60 -55.24 -4.79
CA ASN A 187 -17.28 -56.02 -3.76
C ASN A 187 -16.30 -56.57 -2.74
N LEU A 188 -16.65 -56.42 -1.47
CA LEU A 188 -15.85 -56.93 -0.37
C LEU A 188 -16.75 -58.04 0.18
N LEU A 189 -16.33 -59.29 0.07
CA LEU A 189 -17.19 -60.35 0.55
C LEU A 189 -16.64 -61.37 1.52
N LYS A 190 -17.53 -62.23 1.98
CA LYS A 190 -17.18 -63.29 2.93
C LYS A 190 -17.05 -64.61 2.18
N LYS A 191 -16.72 -65.66 2.92
CA LYS A 191 -16.51 -66.99 2.37
C LYS A 191 -17.71 -67.60 1.66
N ASN A 192 -18.91 -67.39 2.21
CA ASN A 192 -20.11 -67.98 1.60
C ASN A 192 -20.64 -67.22 0.39
N GLY A 193 -20.00 -66.10 0.05
CA GLY A 193 -20.44 -65.35 -1.10
C GLY A 193 -21.26 -64.12 -0.76
N ASP A 194 -21.51 -63.89 0.53
CA ASP A 194 -22.26 -62.70 0.92
C ASP A 194 -21.34 -61.52 0.69
N ILE A 195 -21.90 -60.40 0.22
CA ILE A 195 -21.10 -59.21 -0.02
C ILE A 195 -21.29 -58.25 1.14
N ALA A 196 -20.24 -58.10 1.94
CA ALA A 196 -20.26 -57.21 3.10
C ALA A 196 -20.50 -55.77 2.65
N LEU A 197 -19.78 -55.37 1.60
CA LEU A 197 -19.91 -54.03 1.06
C LEU A 197 -19.81 -54.04 -0.46
N HIS A 198 -20.82 -53.46 -1.08
CA HIS A 198 -20.92 -53.33 -2.53
C HIS A 198 -20.76 -51.83 -2.76
N PHE A 199 -19.67 -51.44 -3.40
CA PHE A 199 -19.36 -50.03 -3.70
C PHE A 199 -19.59 -49.92 -5.20
N ASN A 200 -20.62 -49.19 -5.61
CA ASN A 200 -20.99 -49.11 -7.02
C ASN A 200 -21.21 -47.71 -7.61
N PRO A 201 -20.14 -47.08 -8.11
CA PRO A 201 -20.29 -45.75 -8.70
C PRO A 201 -21.12 -45.82 -9.99
N ARG A 202 -22.13 -44.95 -10.10
CA ARG A 202 -22.99 -44.92 -11.28
C ARG A 202 -23.05 -43.50 -11.84
N PHE A 203 -22.22 -43.23 -12.84
CA PHE A 203 -22.16 -41.92 -13.46
C PHE A 203 -23.45 -41.50 -14.16
N ASP A 204 -24.20 -42.45 -14.70
CA ASP A 204 -25.45 -42.14 -15.38
C ASP A 204 -26.55 -41.85 -14.36
N GLU A 205 -26.22 -42.02 -13.08
CA GLU A 205 -27.16 -41.78 -12.00
C GLU A 205 -26.58 -40.73 -11.06
N LYS A 206 -25.34 -40.33 -11.34
CA LYS A 206 -24.64 -39.33 -10.53
C LYS A 206 -24.63 -39.66 -9.05
N ALA A 207 -24.45 -40.93 -8.74
CA ALA A 207 -24.42 -41.37 -7.36
C ALA A 207 -23.59 -42.64 -7.23
N ILE A 208 -23.16 -42.93 -6.00
CA ILE A 208 -22.41 -44.13 -5.70
C ILE A 208 -23.33 -44.94 -4.80
N VAL A 209 -23.75 -46.11 -5.29
CA VAL A 209 -24.61 -46.96 -4.49
C VAL A 209 -23.80 -47.87 -3.59
N ARG A 210 -24.23 -48.00 -2.34
CA ARG A 210 -23.59 -48.88 -1.38
C ARG A 210 -24.69 -49.81 -0.85
N ASN A 211 -24.40 -51.11 -0.81
CA ASN A 211 -25.37 -52.08 -0.32
C ASN A 211 -24.64 -53.32 0.14
N SER A 212 -25.42 -54.33 0.54
CA SER A 212 -24.86 -55.60 0.98
C SER A 212 -25.71 -56.69 0.36
N LEU A 213 -25.08 -57.82 0.06
CA LEU A 213 -25.80 -58.97 -0.51
C LEU A 213 -25.77 -60.03 0.56
N ILE A 214 -26.93 -60.33 1.14
CA ILE A 214 -27.00 -61.30 2.21
C ILE A 214 -27.93 -62.44 1.82
N SER A 215 -27.35 -63.64 1.72
CA SER A 215 -28.09 -64.83 1.34
C SER A 215 -28.88 -64.61 0.06
N GLY A 216 -28.19 -64.09 -0.95
CA GLY A 216 -28.81 -63.85 -2.25
C GLY A 216 -29.72 -62.65 -2.42
N GLU A 217 -29.94 -61.89 -1.36
CA GLU A 217 -30.81 -60.73 -1.46
C GLU A 217 -30.09 -59.41 -1.18
N TRP A 218 -30.40 -58.40 -1.97
CA TRP A 218 -29.80 -57.07 -1.80
C TRP A 218 -30.51 -56.31 -0.68
N GLY A 219 -29.75 -55.56 0.09
CA GLY A 219 -30.31 -54.80 1.19
C GLY A 219 -30.90 -53.46 0.82
N ASN A 220 -31.02 -52.60 1.84
CA ASN A 220 -31.59 -51.28 1.69
C ASN A 220 -31.03 -50.46 0.52
N GLU A 221 -29.75 -50.12 0.58
CA GLU A 221 -29.07 -49.34 -0.45
C GLU A 221 -28.92 -47.88 -0.02
N GLU A 222 -27.68 -47.47 0.23
CA GLU A 222 -27.38 -46.12 0.66
C GLU A 222 -26.69 -45.36 -0.47
N ARG A 223 -27.33 -44.29 -0.93
CA ARG A 223 -26.79 -43.48 -2.01
C ARG A 223 -26.51 -42.06 -1.51
N GLU A 224 -26.64 -41.09 -2.41
CA GLU A 224 -26.39 -39.67 -2.09
C GLU A 224 -25.08 -39.35 -1.38
N GLY A 225 -24.56 -38.16 -1.66
CA GLY A 225 -23.31 -37.71 -1.09
C GLY A 225 -22.41 -37.17 -2.19
N LYS A 226 -23.01 -36.72 -3.28
CA LYS A 226 -22.28 -36.16 -4.43
C LYS A 226 -21.10 -37.02 -4.88
N ASN A 227 -21.22 -37.62 -6.06
CA ASN A 227 -20.16 -38.47 -6.60
C ASN A 227 -18.85 -37.69 -6.77
N PRO A 228 -17.81 -38.07 -6.02
CA PRO A 228 -16.52 -37.40 -6.12
C PRO A 228 -15.64 -37.89 -7.28
N LEU A 229 -16.07 -38.97 -7.92
CA LEU A 229 -15.31 -39.56 -9.02
C LEU A 229 -15.64 -38.89 -10.36
N GLU A 230 -14.73 -39.03 -11.32
CA GLU A 230 -14.91 -38.44 -12.63
C GLU A 230 -14.31 -39.31 -13.74
N LYS A 231 -15.07 -39.46 -14.82
CA LYS A 231 -14.64 -40.26 -15.96
C LYS A 231 -13.24 -39.91 -16.45
N GLY A 232 -12.39 -40.91 -16.59
CA GLY A 232 -11.05 -40.67 -17.09
C GLY A 232 -10.01 -40.12 -16.12
N ILE A 233 -10.42 -39.78 -14.89
CA ILE A 233 -9.45 -39.28 -13.92
C ILE A 233 -9.14 -40.34 -12.88
N GLY A 234 -7.88 -40.48 -12.51
CA GLY A 234 -7.50 -41.48 -11.54
C GLY A 234 -8.01 -41.15 -10.16
N CYS A 235 -8.24 -42.18 -9.35
CA CYS A 235 -8.73 -41.98 -7.98
C CYS A 235 -8.09 -42.98 -7.03
N ASP A 236 -7.98 -42.58 -5.76
CA ASP A 236 -7.43 -43.44 -4.73
C ASP A 236 -8.60 -43.77 -3.84
N LEU A 237 -9.03 -45.02 -3.85
CA LEU A 237 -10.15 -45.43 -3.03
C LEU A 237 -9.63 -46.18 -1.81
N GLU A 238 -10.17 -45.84 -0.64
CA GLU A 238 -9.73 -46.52 0.57
C GLU A 238 -10.92 -47.02 1.37
N PHE A 239 -10.87 -48.29 1.74
CA PHE A 239 -11.93 -48.91 2.52
C PHE A 239 -11.38 -49.26 3.89
N ARG A 240 -11.68 -48.43 4.88
CA ARG A 240 -11.20 -48.65 6.24
C ARG A 240 -12.22 -49.39 7.10
N ASN A 241 -11.87 -50.60 7.50
CA ASN A 241 -12.74 -51.41 8.34
C ASN A 241 -12.59 -50.96 9.79
N GLU A 242 -13.58 -50.22 10.29
CA GLU A 242 -13.55 -49.76 11.66
C GLU A 242 -14.58 -50.45 12.53
N GLU A 243 -14.55 -50.16 13.83
CA GLU A 243 -15.45 -50.77 14.80
C GLU A 243 -16.89 -50.92 14.36
N TYR A 244 -17.55 -49.79 14.12
CA TYR A 244 -18.95 -49.81 13.75
C TYR A 244 -19.26 -49.69 12.27
N ALA A 245 -18.27 -49.31 11.48
CA ALA A 245 -18.54 -49.15 10.06
C ALA A 245 -17.32 -49.02 9.17
N PHE A 246 -17.55 -49.22 7.87
CA PHE A 246 -16.50 -49.08 6.89
C PHE A 246 -16.39 -47.57 6.67
N GLN A 247 -15.17 -47.05 6.70
CA GLN A 247 -14.97 -45.63 6.43
C GLN A 247 -14.46 -45.61 4.99
N ILE A 248 -15.24 -44.98 4.11
CA ILE A 248 -14.89 -44.91 2.69
C ILE A 248 -14.25 -43.59 2.31
N TYR A 249 -12.98 -43.66 1.93
CA TYR A 249 -12.25 -42.46 1.54
C TYR A 249 -12.02 -42.43 0.04
N VAL A 250 -12.23 -41.27 -0.55
CA VAL A 250 -12.01 -41.07 -1.98
C VAL A 250 -11.04 -39.91 -2.10
N ASP A 251 -9.90 -40.17 -2.73
CA ASP A 251 -8.89 -39.16 -2.92
C ASP A 251 -8.51 -38.45 -1.62
N GLY A 252 -8.35 -39.22 -0.55
CA GLY A 252 -7.96 -38.65 0.73
C GLY A 252 -9.03 -38.02 1.61
N GLU A 253 -10.25 -37.92 1.12
CA GLU A 253 -11.35 -37.34 1.89
C GLU A 253 -12.41 -38.41 2.19
N ARG A 254 -12.93 -38.42 3.40
CA ARG A 254 -13.96 -39.41 3.73
C ARG A 254 -15.19 -39.09 2.91
N PHE A 255 -15.58 -40.03 2.05
CA PHE A 255 -16.75 -39.86 1.20
C PHE A 255 -18.03 -40.29 1.92
N ALA A 256 -17.93 -41.33 2.74
CA ALA A 256 -19.08 -41.83 3.47
C ALA A 256 -18.71 -42.90 4.47
N THR A 257 -19.70 -43.27 5.29
CA THR A 257 -19.53 -44.32 6.29
C THR A 257 -20.62 -45.32 5.93
N TYR A 258 -20.38 -46.59 6.20
CA TYR A 258 -21.35 -47.60 5.90
C TYR A 258 -21.37 -48.58 7.08
N ALA A 259 -22.44 -48.51 7.87
CA ALA A 259 -22.57 -49.36 9.05
C ALA A 259 -22.52 -50.83 8.64
N HIS A 260 -21.75 -51.63 9.40
CA HIS A 260 -21.64 -53.06 9.12
C HIS A 260 -22.99 -53.75 9.21
N ARG A 261 -23.29 -54.59 8.23
CA ARG A 261 -24.55 -55.34 8.22
C ARG A 261 -24.22 -56.81 8.41
N LEU A 262 -22.93 -57.11 8.24
CA LEU A 262 -22.43 -58.45 8.41
C LEU A 262 -21.29 -58.32 9.40
N ASP A 263 -21.16 -59.27 10.30
CA ASP A 263 -20.09 -59.23 11.28
C ASP A 263 -18.81 -58.91 10.52
N PRO A 264 -18.03 -57.93 11.00
CA PRO A 264 -16.82 -57.66 10.25
C PRO A 264 -15.99 -58.93 10.38
N HIS A 265 -14.66 -58.84 10.27
CA HIS A 265 -13.85 -60.06 10.39
C HIS A 265 -14.19 -61.06 9.29
N ASP A 266 -13.16 -61.79 8.85
CA ASP A 266 -13.31 -62.80 7.83
C ASP A 266 -13.75 -62.24 6.48
N ILE A 267 -13.32 -61.02 6.17
CA ILE A 267 -13.64 -60.42 4.88
C ILE A 267 -12.38 -60.60 4.04
N ASN A 268 -12.26 -61.76 3.41
CA ASN A 268 -11.08 -62.04 2.61
C ASN A 268 -11.38 -62.35 1.15
N GLY A 269 -12.33 -61.61 0.60
CA GLY A 269 -12.70 -61.78 -0.79
C GLY A 269 -12.86 -60.43 -1.46
N LEU A 270 -12.39 -60.32 -2.70
CA LEU A 270 -12.49 -59.06 -3.42
C LEU A 270 -12.83 -59.31 -4.88
N GLN A 271 -13.75 -58.49 -5.40
CA GLN A 271 -14.16 -58.55 -6.79
C GLN A 271 -14.25 -57.13 -7.29
N ILE A 272 -13.87 -56.91 -8.54
CA ILE A 272 -13.94 -55.60 -9.16
C ILE A 272 -14.41 -55.83 -10.58
N GLY A 273 -15.41 -55.06 -11.00
CA GLY A 273 -15.94 -55.20 -12.34
C GLY A 273 -16.52 -53.90 -12.86
N GLY A 274 -17.00 -53.92 -14.10
CA GLY A 274 -17.58 -52.71 -14.66
C GLY A 274 -16.61 -51.95 -15.55
N ASP A 275 -16.94 -50.69 -15.83
CA ASP A 275 -16.13 -49.84 -16.68
C ASP A 275 -15.02 -49.13 -15.91
N VAL A 276 -13.98 -49.89 -15.59
CA VAL A 276 -12.88 -49.33 -14.82
C VAL A 276 -11.56 -50.05 -15.08
N GLU A 277 -10.46 -49.32 -14.89
CA GLU A 277 -9.12 -49.85 -15.06
C GLU A 277 -8.48 -49.77 -13.68
N VAL A 278 -7.87 -50.87 -13.24
CA VAL A 278 -7.25 -50.93 -11.93
C VAL A 278 -5.73 -50.95 -12.06
N THR A 279 -5.08 -50.06 -11.33
CA THR A 279 -3.62 -49.97 -11.41
C THR A 279 -2.87 -50.30 -10.13
N GLY A 280 -3.61 -50.61 -9.07
CA GLY A 280 -2.96 -50.97 -7.82
C GLY A 280 -3.95 -51.37 -6.74
N ILE A 281 -3.58 -52.37 -5.96
CA ILE A 281 -4.41 -52.87 -4.87
C ILE A 281 -3.49 -53.22 -3.72
N GLN A 282 -3.72 -52.65 -2.53
CA GLN A 282 -2.89 -52.96 -1.38
C GLN A 282 -3.64 -52.93 -0.06
N MET A 283 -3.23 -53.83 0.83
CA MET A 283 -3.82 -53.94 2.15
C MET A 283 -2.87 -53.22 3.10
N VAL A 284 -3.36 -52.16 3.73
CA VAL A 284 -2.53 -51.39 4.65
C VAL A 284 -3.01 -51.55 6.11
N MET B 7 -9.84 24.27 -1.40
CA MET B 7 -9.13 23.51 -0.33
C MET B 7 -7.72 23.17 -0.78
N ALA B 8 -6.80 23.07 0.19
CA ALA B 8 -5.41 22.74 -0.11
C ALA B 8 -4.76 22.01 1.07
N THR B 9 -3.56 21.47 0.83
CA THR B 9 -2.81 20.74 1.84
C THR B 9 -2.92 21.34 3.23
N GLU B 10 -3.59 20.62 4.12
CA GLU B 10 -3.80 21.05 5.51
C GLU B 10 -2.56 21.71 6.08
N THR B 11 -1.70 20.91 6.70
CA THR B 11 -0.48 21.40 7.31
C THR B 11 -0.72 22.57 8.26
N ASN B 12 -0.35 23.78 7.83
CA ASN B 12 -0.51 24.98 8.65
C ASN B 12 -1.70 25.83 8.24
N TYR B 13 -2.06 26.78 9.11
CA TYR B 13 -3.17 27.70 8.87
C TYR B 13 -4.45 27.02 8.40
N PRO B 14 -4.76 25.83 8.94
CA PRO B 14 -5.98 25.18 8.49
C PRO B 14 -7.24 25.88 9.02
N VAL B 15 -8.23 26.07 8.16
CA VAL B 15 -9.48 26.70 8.57
C VAL B 15 -10.47 25.63 9.02
N PRO B 16 -11.29 25.94 10.05
CA PRO B 16 -11.27 27.24 10.73
C PRO B 16 -9.99 27.41 11.53
N TYR B 17 -9.42 28.61 11.46
CA TYR B 17 -8.18 28.90 12.18
C TYR B 17 -8.45 29.80 13.38
N ARG B 18 -8.08 29.33 14.57
CA ARG B 18 -8.30 30.08 15.78
C ARG B 18 -6.96 30.30 16.49
N SER B 19 -6.70 31.54 16.89
CA SER B 19 -5.45 31.83 17.56
C SER B 19 -5.64 32.69 18.81
N LYS B 20 -4.85 32.41 19.83
CA LYS B 20 -4.93 33.13 21.08
C LYS B 20 -3.80 34.17 21.17
N LEU B 21 -4.16 35.41 21.49
CA LEU B 21 -3.17 36.48 21.61
C LEU B 21 -2.40 36.37 22.92
N THR B 22 -1.18 36.88 22.94
CA THR B 22 -0.34 36.85 24.13
C THR B 22 -0.86 37.88 25.13
N GLU B 23 -1.40 38.97 24.58
CA GLU B 23 -1.96 40.05 25.37
C GLU B 23 -3.06 40.66 24.53
N PRO B 24 -4.03 41.34 25.16
CA PRO B 24 -5.13 41.94 24.38
C PRO B 24 -4.64 42.82 23.23
N PHE B 25 -5.43 42.88 22.17
CA PHE B 25 -5.11 43.69 21.00
C PHE B 25 -5.00 45.15 21.48
N GLU B 26 -3.91 45.82 21.14
CA GLU B 26 -3.70 47.20 21.56
C GLU B 26 -3.56 48.21 20.43
N PRO B 27 -3.90 49.48 20.71
CA PRO B 27 -3.81 50.55 19.70
C PRO B 27 -2.40 50.54 19.13
N GLY B 28 -2.30 50.63 17.81
CA GLY B 28 -0.99 50.64 17.16
C GLY B 28 -0.61 49.26 16.63
N GLN B 29 -1.30 48.21 17.06
CA GLN B 29 -0.99 46.86 16.58
C GLN B 29 -1.83 46.53 15.34
N THR B 30 -1.28 45.68 14.48
CA THR B 30 -1.96 45.28 13.25
C THR B 30 -2.07 43.76 13.11
N LEU B 31 -3.20 43.32 12.55
CA LEU B 31 -3.42 41.91 12.28
C LEU B 31 -3.39 41.81 10.75
N ILE B 32 -2.54 40.94 10.23
CA ILE B 32 -2.43 40.77 8.78
C ILE B 32 -2.87 39.36 8.38
N ILE B 33 -3.76 39.28 7.40
CA ILE B 33 -4.24 37.99 6.91
C ILE B 33 -4.17 37.93 5.39
N LYS B 34 -3.47 36.93 4.88
CA LYS B 34 -3.34 36.76 3.45
C LYS B 34 -3.70 35.32 3.08
N GLY B 35 -4.33 35.15 1.93
CA GLY B 35 -4.71 33.82 1.51
C GLY B 35 -5.22 33.76 0.07
N LYS B 36 -5.65 32.58 -0.34
CA LYS B 36 -6.16 32.37 -1.68
C LYS B 36 -7.61 31.90 -1.65
N THR B 37 -8.39 32.31 -2.64
CA THR B 37 -9.78 31.87 -2.73
C THR B 37 -9.90 31.02 -3.97
N ALA B 38 -10.91 30.15 -4.01
CA ALA B 38 -11.13 29.29 -5.16
C ALA B 38 -12.28 29.84 -6.00
N GLU B 39 -12.37 29.36 -7.25
CA GLU B 39 -13.43 29.81 -8.14
C GLU B 39 -14.81 29.45 -7.61
N ASP B 40 -14.87 28.66 -6.55
CA ASP B 40 -16.14 28.25 -5.96
C ASP B 40 -16.40 28.86 -4.58
N SER B 41 -15.53 29.77 -4.14
CA SER B 41 -15.69 30.42 -2.84
C SER B 41 -16.95 31.28 -2.75
N VAL B 42 -17.64 31.21 -1.63
CA VAL B 42 -18.86 32.00 -1.43
C VAL B 42 -18.55 33.16 -0.49
N ARG B 43 -17.78 32.87 0.55
CA ARG B 43 -17.38 33.89 1.52
C ARG B 43 -16.49 33.33 2.61
N PHE B 44 -15.77 34.22 3.28
CA PHE B 44 -14.94 33.84 4.41
C PHE B 44 -15.05 34.95 5.44
N THR B 45 -14.72 34.65 6.69
CA THR B 45 -14.84 35.66 7.75
C THR B 45 -13.59 35.79 8.61
N ILE B 46 -13.46 36.96 9.22
CA ILE B 46 -12.36 37.26 10.12
C ILE B 46 -13.03 37.84 11.35
N ASN B 47 -12.81 37.20 12.50
CA ASN B 47 -13.39 37.66 13.76
C ASN B 47 -12.35 37.95 14.83
N LEU B 48 -12.51 39.09 15.50
CA LEU B 48 -11.67 39.51 16.62
C LEU B 48 -12.70 39.24 17.72
N HIS B 49 -12.49 38.14 18.45
CA HIS B 49 -13.44 37.63 19.45
C HIS B 49 -12.89 37.56 20.88
N ASN B 50 -13.81 37.39 21.84
CA ASN B 50 -13.47 37.31 23.25
C ASN B 50 -13.54 35.87 23.74
N THR B 51 -13.13 35.67 24.99
CA THR B 51 -13.10 34.38 25.67
C THR B 51 -11.88 34.35 26.60
N SER B 52 -11.97 33.55 27.66
CA SER B 52 -10.87 33.42 28.61
C SER B 52 -10.00 32.22 28.22
N ALA B 53 -10.43 31.03 28.62
CA ALA B 53 -9.70 29.81 28.29
C ALA B 53 -10.25 29.22 27.01
N ASP B 54 -11.58 29.14 26.93
CA ASP B 54 -12.26 28.61 25.75
C ASP B 54 -13.78 28.69 25.93
N PHE B 55 -14.24 29.81 26.46
CA PHE B 55 -15.67 30.04 26.69
C PHE B 55 -16.42 29.91 25.36
N SER B 56 -15.86 30.53 24.33
CA SER B 56 -16.43 30.50 22.97
C SER B 56 -17.84 31.09 22.88
N GLY B 57 -18.10 31.79 21.77
CA GLY B 57 -19.39 32.38 21.55
C GLY B 57 -19.54 33.72 22.27
N ASN B 58 -18.44 34.21 22.83
CA ASN B 58 -18.47 35.47 23.55
C ASN B 58 -18.78 36.63 22.62
N ASP B 59 -18.29 37.82 22.97
CA ASP B 59 -18.51 39.00 22.17
C ASP B 59 -17.53 39.06 21.01
N VAL B 60 -17.93 39.74 19.94
CA VAL B 60 -17.07 39.90 18.78
C VAL B 60 -17.00 41.39 18.48
N PRO B 61 -15.97 42.08 19.00
CA PRO B 61 -15.83 43.52 18.77
C PRO B 61 -15.78 43.85 17.28
N LEU B 62 -15.11 43.01 16.51
CA LEU B 62 -15.03 43.24 15.07
C LEU B 62 -15.16 41.98 14.26
N HIS B 63 -16.20 41.94 13.43
CA HIS B 63 -16.46 40.84 12.54
C HIS B 63 -16.38 41.37 11.11
N ILE B 64 -15.64 40.67 10.26
CA ILE B 64 -15.51 41.05 8.86
C ILE B 64 -15.95 39.88 7.99
N SER B 65 -16.98 40.10 7.17
CA SER B 65 -17.49 39.06 6.29
C SER B 65 -17.31 39.48 4.84
N VAL B 66 -16.39 38.81 4.14
CA VAL B 66 -16.14 39.12 2.73
C VAL B 66 -17.02 38.17 1.94
N ARG B 67 -18.02 38.74 1.28
CA ARG B 67 -18.98 37.94 0.55
C ARG B 67 -18.90 38.05 -0.96
N PHE B 68 -18.59 36.93 -1.60
CA PHE B 68 -18.51 36.88 -3.05
C PHE B 68 -19.90 36.69 -3.63
N ASP B 69 -20.79 36.06 -2.87
CA ASP B 69 -22.16 35.87 -3.35
C ASP B 69 -22.87 37.22 -3.45
N GLU B 70 -22.65 38.08 -2.46
CA GLU B 70 -23.29 39.39 -2.44
C GLU B 70 -22.39 40.50 -2.98
N GLY B 71 -21.12 40.20 -3.16
CA GLY B 71 -20.18 41.19 -3.68
C GLY B 71 -19.95 42.37 -2.74
N LYS B 72 -20.04 42.11 -1.44
CA LYS B 72 -19.84 43.16 -0.45
C LYS B 72 -18.94 42.67 0.70
N ILE B 73 -18.41 43.62 1.46
CA ILE B 73 -17.61 43.31 2.64
C ILE B 73 -18.46 43.86 3.77
N VAL B 74 -18.87 42.98 4.68
CA VAL B 74 -19.72 43.39 5.79
C VAL B 74 -18.97 43.46 7.12
N PHE B 75 -19.10 44.59 7.80
CA PHE B 75 -18.46 44.81 9.10
C PHE B 75 -19.55 44.91 10.15
N ASN B 76 -19.34 44.25 11.29
CA ASN B 76 -20.33 44.31 12.35
C ASN B 76 -19.72 43.90 13.67
N THR B 77 -20.51 44.05 14.73
CA THR B 77 -20.09 43.68 16.07
C THR B 77 -21.16 42.79 16.68
N PHE B 78 -20.72 41.80 17.45
CA PHE B 78 -21.65 40.89 18.11
C PHE B 78 -21.44 41.09 19.60
N SER B 79 -22.48 41.51 20.29
CA SER B 79 -22.42 41.75 21.72
C SER B 79 -23.78 41.52 22.37
N LYS B 80 -23.76 41.00 23.59
CA LYS B 80 -25.00 40.72 24.31
C LYS B 80 -25.93 39.81 23.52
N GLY B 81 -25.36 38.77 22.94
CA GLY B 81 -26.12 37.80 22.18
C GLY B 81 -26.75 38.29 20.89
N GLU B 82 -26.30 39.43 20.37
CA GLU B 82 -26.89 39.94 19.13
C GLU B 82 -25.94 40.71 18.19
N TRP B 83 -26.24 40.63 16.90
CA TRP B 83 -25.47 41.35 15.90
C TRP B 83 -25.99 42.79 15.93
N GLY B 84 -25.11 43.74 15.71
CA GLY B 84 -25.52 45.13 15.69
C GLY B 84 -25.86 45.54 14.27
N LYS B 85 -25.78 46.84 13.99
CA LYS B 85 -26.08 47.36 12.67
C LYS B 85 -24.88 47.14 11.74
N GLU B 86 -25.13 46.56 10.58
CA GLU B 86 -24.05 46.31 9.62
C GLU B 86 -23.57 47.58 8.92
N GLU B 87 -22.28 47.59 8.59
CA GLU B 87 -21.66 48.69 7.87
C GLU B 87 -21.06 47.95 6.67
N ARG B 88 -21.38 48.39 5.47
CA ARG B 88 -20.90 47.71 4.27
C ARG B 88 -20.00 48.51 3.35
N LYS B 89 -19.25 47.78 2.52
CA LYS B 89 -18.33 48.36 1.58
C LYS B 89 -18.27 47.39 0.39
N SER B 90 -17.86 47.88 -0.77
CA SER B 90 -17.77 47.03 -1.94
C SER B 90 -16.64 46.02 -1.79
N ASN B 91 -16.84 44.83 -2.36
CA ASN B 91 -15.84 43.78 -2.31
C ASN B 91 -15.03 43.93 -3.60
N PRO B 92 -13.75 44.31 -3.48
CA PRO B 92 -12.91 44.47 -4.67
C PRO B 92 -12.43 43.14 -5.25
N TYR B 93 -12.61 42.07 -4.49
CA TYR B 93 -12.18 40.75 -4.90
C TYR B 93 -13.26 39.95 -5.61
N LYS B 94 -12.84 39.16 -6.57
CA LYS B 94 -13.74 38.27 -7.31
C LYS B 94 -13.28 36.87 -6.95
N LYS B 95 -14.20 35.92 -6.93
CA LYS B 95 -13.89 34.53 -6.60
C LYS B 95 -12.59 34.14 -7.29
N GLY B 96 -11.66 33.59 -6.52
CA GLY B 96 -10.37 33.23 -7.08
C GLY B 96 -9.45 34.37 -6.68
N ASP B 97 -8.20 34.36 -7.14
CA ASP B 97 -7.24 35.41 -6.80
C ASP B 97 -7.06 35.64 -5.29
N ASP B 98 -5.85 36.06 -4.94
CA ASP B 98 -5.45 36.28 -3.57
C ASP B 98 -6.03 37.49 -2.84
N ILE B 99 -6.15 37.36 -1.52
CA ILE B 99 -6.67 38.43 -0.69
C ILE B 99 -5.61 38.83 0.33
N ASP B 100 -5.67 40.10 0.77
CA ASP B 100 -4.72 40.64 1.73
C ASP B 100 -5.48 41.67 2.57
N ILE B 101 -5.92 41.26 3.75
CA ILE B 101 -6.67 42.14 4.62
C ILE B 101 -5.83 42.48 5.86
N ARG B 102 -5.76 43.76 6.21
CA ARG B 102 -4.98 44.17 7.36
C ARG B 102 -5.82 45.04 8.29
N ILE B 103 -5.77 44.72 9.57
CA ILE B 103 -6.55 45.44 10.57
C ILE B 103 -5.64 46.07 11.61
N ARG B 104 -5.64 47.41 11.66
CA ARG B 104 -4.83 48.12 12.64
C ARG B 104 -5.74 48.74 13.68
N ALA B 105 -5.45 48.45 14.95
CA ALA B 105 -6.26 48.99 16.04
C ALA B 105 -5.74 50.37 16.45
N HIS B 106 -6.66 51.27 16.73
CA HIS B 106 -6.32 52.62 17.21
C HIS B 106 -7.18 52.83 18.44
N ASP B 107 -7.00 53.94 19.15
CA ASP B 107 -7.80 54.15 20.34
C ASP B 107 -9.28 54.40 20.09
N SER B 108 -9.65 54.88 18.91
CA SER B 108 -11.06 55.16 18.65
C SER B 108 -11.70 54.27 17.61
N LYS B 109 -10.89 53.48 16.91
CA LYS B 109 -11.44 52.62 15.88
C LYS B 109 -10.42 51.63 15.33
N PHE B 110 -10.87 50.86 14.34
CA PHE B 110 -10.03 49.91 13.63
C PHE B 110 -9.92 50.51 12.23
N SER B 111 -8.74 50.45 11.64
CA SER B 111 -8.56 50.94 10.28
C SER B 111 -8.29 49.67 9.46
N ILE B 112 -9.20 49.36 8.54
CA ILE B 112 -9.06 48.16 7.71
C ILE B 112 -8.59 48.47 6.31
N SER B 113 -7.58 47.73 5.86
CA SER B 113 -7.01 47.90 4.54
C SER B 113 -7.17 46.63 3.72
N VAL B 114 -7.41 46.81 2.42
CA VAL B 114 -7.55 45.68 1.50
C VAL B 114 -6.54 45.97 0.40
N ASP B 115 -5.61 45.04 0.19
CA ASP B 115 -4.58 45.23 -0.81
C ASP B 115 -3.69 46.41 -0.44
N GLN B 116 -3.47 46.59 0.87
CA GLN B 116 -2.63 47.66 1.38
C GLN B 116 -3.20 49.07 1.18
N LYS B 117 -4.50 49.13 0.87
CA LYS B 117 -5.17 50.41 0.70
C LYS B 117 -6.31 50.49 1.72
N GLU B 118 -6.30 51.53 2.54
CA GLU B 118 -7.34 51.70 3.55
C GLU B 118 -8.71 51.82 2.88
N VAL B 119 -9.64 50.97 3.29
CA VAL B 119 -10.98 50.98 2.72
C VAL B 119 -12.06 51.19 3.76
N LYS B 120 -11.71 51.05 5.04
CA LYS B 120 -12.71 51.23 6.08
C LYS B 120 -12.18 51.58 7.46
N GLU B 121 -12.86 52.53 8.10
CA GLU B 121 -12.55 52.91 9.47
C GLU B 121 -13.80 52.47 10.23
N TYR B 122 -13.62 51.59 11.21
CA TYR B 122 -14.73 51.06 11.99
C TYR B 122 -14.57 51.54 13.43
N GLU B 123 -15.44 52.45 13.86
CA GLU B 123 -15.36 52.97 15.23
C GLU B 123 -15.66 51.86 16.24
N HIS B 124 -14.94 51.85 17.35
CA HIS B 124 -15.16 50.85 18.39
C HIS B 124 -16.60 50.96 18.90
N ARG B 125 -17.25 49.81 19.06
CA ARG B 125 -18.61 49.80 19.57
C ARG B 125 -18.58 49.20 20.97
N VAL B 126 -17.63 48.29 21.19
CA VAL B 126 -17.42 47.64 22.48
C VAL B 126 -15.92 47.72 22.76
N PRO B 127 -15.50 47.45 24.02
CA PRO B 127 -14.07 47.53 24.35
C PRO B 127 -13.11 46.72 23.50
N LEU B 128 -12.09 47.40 22.97
CA LEU B 128 -11.06 46.77 22.17
C LEU B 128 -10.33 45.72 23.00
N SER B 129 -10.18 46.01 24.29
CA SER B 129 -9.48 45.11 25.20
C SER B 129 -10.16 43.76 25.34
N SER B 130 -11.37 43.64 24.78
CA SER B 130 -12.11 42.37 24.82
C SER B 130 -11.59 41.40 23.77
N VAL B 131 -10.78 41.90 22.84
CA VAL B 131 -10.23 41.06 21.79
C VAL B 131 -9.04 40.27 22.35
N THR B 132 -9.27 38.98 22.61
CA THR B 132 -8.26 38.10 23.15
C THR B 132 -7.94 36.97 22.16
N HIS B 133 -8.75 36.87 21.12
CA HIS B 133 -8.60 35.83 20.10
C HIS B 133 -8.98 36.37 18.73
N PHE B 134 -8.61 35.63 17.69
CA PHE B 134 -9.03 36.00 16.36
C PHE B 134 -9.20 34.67 15.63
N SER B 135 -10.23 34.61 14.77
CA SER B 135 -10.52 33.41 14.02
C SER B 135 -10.77 33.78 12.57
N VAL B 136 -10.40 32.88 11.67
CA VAL B 136 -10.62 33.08 10.25
C VAL B 136 -11.28 31.78 9.79
N ASP B 137 -12.38 31.88 9.07
CA ASP B 137 -13.08 30.69 8.59
C ASP B 137 -13.70 30.97 7.23
N GLY B 138 -14.24 29.93 6.60
CA GLY B 138 -14.87 30.09 5.30
C GLY B 138 -14.07 29.54 4.14
N ASP B 139 -14.45 29.99 2.94
CA ASP B 139 -13.81 29.54 1.72
C ASP B 139 -12.57 30.36 1.40
N ILE B 140 -11.49 30.06 2.14
CA ILE B 140 -10.23 30.75 1.96
C ILE B 140 -9.09 29.83 2.36
N LEU B 141 -8.02 29.84 1.57
CA LEU B 141 -6.83 29.04 1.88
C LEU B 141 -5.82 30.05 2.41
N ILE B 142 -5.69 30.10 3.74
CA ILE B 142 -4.77 31.03 4.39
C ILE B 142 -3.30 30.75 4.07
N THR B 143 -2.58 31.80 3.67
CA THR B 143 -1.18 31.66 3.34
C THR B 143 -0.25 32.38 4.32
N TYR B 144 -0.79 33.38 5.03
CA TYR B 144 0.04 34.16 5.95
C TYR B 144 -0.78 34.91 6.98
N ILE B 145 -0.39 34.77 8.23
CA ILE B 145 -1.04 35.48 9.33
C ILE B 145 0.05 36.06 10.22
N HIS B 146 -0.18 37.27 10.71
CA HIS B 146 0.77 37.92 11.59
C HIS B 146 0.14 39.07 12.35
N TRP B 147 0.47 39.18 13.62
CA TRP B 147 -0.04 40.29 14.40
C TRP B 147 1.12 40.85 15.21
N GLY B 148 1.11 42.15 15.41
CA GLY B 148 2.18 42.78 16.15
C GLY B 148 2.31 44.23 15.77
N GLY B 149 3.49 44.78 15.97
CA GLY B 149 3.72 46.17 15.64
C GLY B 149 3.27 47.07 16.77
N LYS B 150 3.37 48.37 16.56
CA LYS B 150 2.97 49.36 17.55
C LYS B 150 3.13 50.69 16.85
N TYR B 151 3.00 51.78 17.59
CA TYR B 151 3.20 53.09 16.97
C TYR B 151 4.69 53.35 16.95
N TYR B 152 5.26 53.37 15.75
CA TYR B 152 6.69 53.63 15.61
C TYR B 152 6.90 55.09 15.23
N PRO B 153 7.58 55.85 16.09
CA PRO B 153 7.81 57.27 15.80
C PRO B 153 8.83 57.43 14.67
N VAL B 154 8.61 58.43 13.82
CA VAL B 154 9.52 58.71 12.72
C VAL B 154 9.87 60.20 12.77
N PRO B 155 11.17 60.54 12.64
CA PRO B 155 12.31 59.62 12.47
C PRO B 155 12.41 58.58 13.56
N TYR B 156 12.84 57.39 13.16
CA TYR B 156 13.00 56.26 14.04
C TYR B 156 14.47 55.90 14.12
N GLU B 157 14.90 55.46 15.29
CA GLU B 157 16.29 55.04 15.48
C GLU B 157 16.30 54.02 16.61
N SER B 158 16.94 52.89 16.37
CA SER B 158 16.99 51.84 17.37
C SER B 158 18.18 50.92 17.12
N GLY B 159 18.55 50.17 18.14
CA GLY B 159 19.64 49.21 17.99
C GLY B 159 18.93 47.92 17.64
N LEU B 160 19.66 46.93 17.14
CA LEU B 160 19.04 45.66 16.79
C LEU B 160 19.56 44.55 17.70
N ALA B 161 18.63 43.91 18.40
CA ALA B 161 18.92 42.81 19.33
C ALA B 161 20.38 42.65 19.74
N GLY B 162 20.94 41.46 19.50
CA GLY B 162 22.33 41.21 19.86
C GLY B 162 23.25 40.98 18.68
N ASP B 163 23.04 39.86 17.97
CA ASP B 163 23.86 39.55 16.82
C ASP B 163 23.49 40.51 15.67
N GLY B 164 22.41 41.26 15.88
CA GLY B 164 21.96 42.21 14.87
C GLY B 164 21.49 41.57 13.59
N LEU B 165 21.61 42.32 12.49
CA LEU B 165 21.20 41.86 11.18
C LEU B 165 22.39 41.22 10.46
N ALA B 166 22.74 40.00 10.87
CA ALA B 166 23.87 39.26 10.30
C ALA B 166 23.43 38.30 9.19
N PRO B 167 24.40 37.80 8.39
CA PRO B 167 24.06 36.87 7.31
C PRO B 167 23.14 35.78 7.86
N GLY B 168 22.10 35.45 7.11
CA GLY B 168 21.17 34.44 7.56
C GLY B 168 20.00 35.06 8.31
N LYS B 169 20.11 36.35 8.60
CA LYS B 169 19.06 37.07 9.31
C LYS B 169 18.33 37.99 8.34
N SER B 170 17.08 38.33 8.64
CA SER B 170 16.29 39.21 7.79
C SER B 170 15.50 40.21 8.59
N LEU B 171 15.43 41.44 8.07
CA LEU B 171 14.69 42.52 8.72
C LEU B 171 13.47 42.83 7.85
N LEU B 172 12.29 42.74 8.43
CA LEU B 172 11.04 43.00 7.73
C LEU B 172 10.42 44.28 8.28
N ILE B 173 10.11 45.21 7.38
CA ILE B 173 9.52 46.50 7.77
C ILE B 173 8.24 46.74 6.99
N PHE B 174 7.16 47.04 7.71
CA PHE B 174 5.86 47.32 7.10
C PHE B 174 5.72 48.84 7.18
N ALA B 175 5.64 49.50 6.03
CA ALA B 175 5.52 50.95 6.01
C ALA B 175 4.58 51.46 4.93
N THR B 176 4.14 52.71 5.09
CA THR B 176 3.25 53.35 4.13
C THR B 176 3.82 54.70 3.74
N PRO B 177 4.36 54.82 2.52
CA PRO B 177 4.92 56.10 2.09
C PRO B 177 3.77 57.10 2.16
N GLU B 178 4.04 58.31 2.61
CA GLU B 178 2.97 59.30 2.73
C GLU B 178 2.33 59.68 1.40
N LYS B 179 1.04 59.98 1.46
CA LYS B 179 0.25 60.36 0.30
C LYS B 179 0.86 61.48 -0.53
N LYS B 180 1.40 62.49 0.13
CA LYS B 180 2.01 63.62 -0.58
C LYS B 180 3.50 63.69 -0.31
N GLY B 181 4.10 62.56 0.01
CA GLY B 181 5.53 62.52 0.30
C GLY B 181 6.41 62.56 -0.93
N LYS B 182 7.67 62.89 -0.73
CA LYS B 182 8.63 62.98 -1.83
C LYS B 182 9.59 61.78 -1.75
N ARG B 183 10.00 61.44 -0.54
CA ARG B 183 10.92 60.34 -0.35
C ARG B 183 11.09 59.97 1.12
N PHE B 184 11.75 58.85 1.35
CA PHE B 184 12.02 58.39 2.71
C PHE B 184 13.19 57.45 2.61
N HIS B 185 13.78 57.09 3.75
CA HIS B 185 14.93 56.19 3.69
C HIS B 185 14.99 55.28 4.90
N ILE B 186 15.73 54.20 4.74
CA ILE B 186 15.95 53.22 5.79
C ILE B 186 17.45 52.95 5.80
N ASN B 187 18.08 53.10 6.97
CA ASN B 187 19.51 52.86 7.07
C ASN B 187 19.82 51.69 8.00
N LEU B 188 20.69 50.80 7.52
CA LEU B 188 21.16 49.66 8.31
C LEU B 188 22.58 50.12 8.65
N LEU B 189 22.85 50.34 9.93
CA LEU B 189 24.16 50.84 10.34
C LEU B 189 25.06 49.94 11.15
N LYS B 190 26.36 50.23 11.08
CA LYS B 190 27.36 49.50 11.84
C LYS B 190 27.59 50.26 13.14
N LYS B 191 28.33 49.65 14.06
CA LYS B 191 28.61 50.27 15.36
C LYS B 191 29.39 51.58 15.35
N ASN B 192 30.10 51.87 14.25
CA ASN B 192 30.87 53.10 14.19
C ASN B 192 30.10 54.20 13.45
N GLY B 193 28.85 53.91 13.08
CA GLY B 193 28.06 54.90 12.38
C GLY B 193 28.06 54.77 10.87
N ASP B 194 28.95 53.95 10.32
CA ASP B 194 28.94 53.76 8.87
C ASP B 194 27.59 53.15 8.48
N ILE B 195 27.13 53.42 7.26
CA ILE B 195 25.86 52.84 6.84
C ILE B 195 26.14 51.74 5.82
N ALA B 196 25.87 50.51 6.25
CA ALA B 196 26.07 49.33 5.41
C ALA B 196 25.14 49.41 4.21
N LEU B 197 23.92 49.85 4.46
CA LEU B 197 22.92 49.97 3.40
C LEU B 197 21.97 51.12 3.63
N HIS B 198 21.90 51.99 2.63
CA HIS B 198 21.02 53.15 2.62
C HIS B 198 19.98 52.83 1.53
N PHE B 199 18.73 52.62 1.94
CA PHE B 199 17.63 52.28 1.03
C PHE B 199 16.76 53.54 0.97
N ASN B 200 16.77 54.22 -0.18
CA ASN B 200 16.10 55.51 -0.29
C ASN B 200 15.16 55.70 -1.48
N PRO B 201 13.87 55.36 -1.30
CA PRO B 201 12.90 55.51 -2.39
C PRO B 201 12.67 56.99 -2.69
N ARG B 202 12.79 57.37 -3.95
CA ARG B 202 12.57 58.77 -4.34
C ARG B 202 11.49 58.81 -5.42
N PHE B 203 10.28 59.18 -5.02
CA PHE B 203 9.18 59.26 -5.98
C PHE B 203 9.39 60.40 -6.96
N ASP B 204 9.99 61.49 -6.48
CA ASP B 204 10.26 62.65 -7.31
C ASP B 204 11.25 62.30 -8.43
N GLU B 205 12.04 61.26 -8.21
CA GLU B 205 13.03 60.82 -9.19
C GLU B 205 12.66 59.47 -9.76
N LYS B 206 11.54 58.92 -9.29
CA LYS B 206 11.05 57.64 -9.76
C LYS B 206 12.10 56.54 -9.68
N ALA B 207 12.70 56.39 -8.50
CA ALA B 207 13.71 55.36 -8.32
C ALA B 207 13.98 55.12 -6.86
N ILE B 208 14.71 54.04 -6.57
CA ILE B 208 15.07 53.70 -5.21
C ILE B 208 16.60 53.70 -5.19
N VAL B 209 17.19 54.68 -4.51
CA VAL B 209 18.64 54.76 -4.43
C VAL B 209 19.16 53.88 -3.30
N ARG B 210 20.21 53.12 -3.60
CA ARG B 210 20.87 52.27 -2.62
C ARG B 210 22.31 52.74 -2.58
N ASN B 211 22.86 52.93 -1.38
CA ASN B 211 24.24 53.37 -1.27
C ASN B 211 24.77 53.02 0.11
N SER B 212 26.05 53.31 0.34
CA SER B 212 26.69 53.06 1.62
C SER B 212 27.45 54.32 2.03
N LEU B 213 27.56 54.54 3.32
CA LEU B 213 28.27 55.70 3.85
C LEU B 213 29.45 55.14 4.63
N ILE B 214 30.65 55.35 4.12
CA ILE B 214 31.86 54.83 4.76
C ILE B 214 32.76 56.01 5.15
N SER B 215 33.06 56.11 6.44
CA SER B 215 33.88 57.19 6.97
C SER B 215 33.39 58.54 6.48
N GLY B 216 32.07 58.73 6.50
CA GLY B 216 31.48 59.99 6.08
C GLY B 216 31.40 60.23 4.58
N GLU B 217 31.72 59.23 3.78
CA GLU B 217 31.69 59.40 2.33
C GLU B 217 30.67 58.47 1.68
N TRP B 218 29.79 59.04 0.86
CA TRP B 218 28.79 58.26 0.14
C TRP B 218 29.50 57.52 -0.99
N GLY B 219 29.05 56.30 -1.27
CA GLY B 219 29.66 55.50 -2.32
C GLY B 219 29.07 55.76 -3.69
N ASN B 220 29.29 54.82 -4.60
CA ASN B 220 28.82 54.91 -5.99
C ASN B 220 27.35 55.28 -6.22
N GLU B 221 26.45 54.56 -5.55
CA GLU B 221 25.00 54.78 -5.68
C GLU B 221 24.42 53.86 -6.75
N GLU B 222 23.56 52.94 -6.32
CA GLU B 222 22.92 51.99 -7.21
C GLU B 222 21.44 52.29 -7.33
N ARG B 223 21.04 52.64 -8.53
CA ARG B 223 19.66 52.97 -8.83
C ARG B 223 19.33 52.22 -10.12
N GLU B 224 18.08 51.80 -10.24
CA GLU B 224 17.62 51.04 -11.40
C GLU B 224 16.62 50.05 -10.85
N GLY B 225 15.48 49.90 -11.52
CA GLY B 225 14.47 48.99 -11.05
C GLY B 225 13.04 49.43 -11.32
N LYS B 226 12.81 50.73 -11.38
CA LYS B 226 11.48 51.32 -11.64
C LYS B 226 10.70 51.78 -10.40
N ASN B 227 11.04 51.24 -9.24
CA ASN B 227 10.37 51.59 -7.98
C ASN B 227 8.93 51.07 -7.95
N PRO B 228 8.72 49.93 -7.27
CA PRO B 228 7.40 49.30 -7.14
C PRO B 228 6.53 49.90 -6.03
N LEU B 229 7.01 50.97 -5.41
CA LEU B 229 6.23 51.60 -4.34
C LEU B 229 5.28 52.65 -4.90
N GLU B 230 4.25 52.98 -4.15
CA GLU B 230 3.26 53.96 -4.58
C GLU B 230 2.82 54.80 -3.39
N LYS B 231 2.70 56.10 -3.58
CA LYS B 231 2.31 57.00 -2.51
C LYS B 231 0.98 56.61 -1.86
N GLY B 232 0.97 56.58 -0.54
CA GLY B 232 -0.24 56.26 0.20
C GLY B 232 -0.67 54.81 0.26
N ILE B 233 0.10 53.90 -0.32
CA ILE B 233 -0.23 52.47 -0.29
C ILE B 233 0.81 51.74 0.57
N GLY B 234 0.34 50.85 1.44
CA GLY B 234 1.24 50.13 2.30
C GLY B 234 2.16 49.21 1.52
N CYS B 235 3.34 48.93 2.08
CA CYS B 235 4.30 48.05 1.42
C CYS B 235 5.01 47.16 2.43
N ASP B 236 5.49 46.02 1.95
CA ASP B 236 6.21 45.07 2.78
C ASP B 236 7.65 45.08 2.26
N LEU B 237 8.58 45.54 3.09
CA LEU B 237 9.98 45.60 2.68
C LEU B 237 10.76 44.57 3.48
N GLU B 238 11.59 43.78 2.82
CA GLU B 238 12.39 42.81 3.55
C GLU B 238 13.85 42.92 3.15
N PHE B 239 14.73 42.97 4.14
CA PHE B 239 16.15 43.05 3.87
C PHE B 239 16.77 41.76 4.37
N ARG B 240 17.11 40.87 3.43
CA ARG B 240 17.71 39.59 3.77
C ARG B 240 19.21 39.67 3.66
N ASN B 241 19.88 39.56 4.80
CA ASN B 241 21.33 39.62 4.85
C ASN B 241 21.83 38.23 4.51
N GLU B 242 22.58 38.13 3.43
CA GLU B 242 23.12 36.84 3.03
C GLU B 242 24.64 36.98 2.98
N GLU B 243 25.32 35.87 2.68
CA GLU B 243 26.78 35.84 2.65
C GLU B 243 27.48 36.93 1.87
N TYR B 244 27.07 37.16 0.63
CA TYR B 244 27.75 38.12 -0.23
C TYR B 244 26.98 39.39 -0.54
N ALA B 245 25.68 39.38 -0.32
CA ALA B 245 24.87 40.55 -0.62
C ALA B 245 23.55 40.56 0.11
N PHE B 246 22.96 41.75 0.19
CA PHE B 246 21.65 41.91 0.80
C PHE B 246 20.69 41.56 -0.35
N GLN B 247 19.61 40.87 -0.03
CA GLN B 247 18.59 40.54 -1.01
C GLN B 247 17.46 41.44 -0.55
N ILE B 248 17.06 42.40 -1.39
CA ILE B 248 16.01 43.34 -1.03
C ILE B 248 14.68 42.99 -1.67
N TYR B 249 13.71 42.62 -0.84
CA TYR B 249 12.39 42.26 -1.33
C TYR B 249 11.37 43.35 -1.08
N VAL B 250 10.55 43.61 -2.09
CA VAL B 250 9.51 44.62 -1.96
C VAL B 250 8.21 43.98 -2.37
N ASP B 251 7.31 43.85 -1.41
CA ASP B 251 6.00 43.24 -1.64
C ASP B 251 6.09 41.79 -2.12
N GLY B 252 6.99 41.03 -1.51
CA GLY B 252 7.13 39.62 -1.85
C GLY B 252 8.02 39.28 -3.04
N GLU B 253 8.44 40.30 -3.79
CA GLU B 253 9.30 40.05 -4.94
C GLU B 253 10.67 40.68 -4.78
N ARG B 254 11.69 39.95 -5.20
CA ARG B 254 13.07 40.44 -5.10
C ARG B 254 13.25 41.64 -6.01
N PHE B 255 13.45 42.79 -5.39
CA PHE B 255 13.64 44.04 -6.12
C PHE B 255 15.09 44.25 -6.54
N ALA B 256 16.02 43.89 -5.67
CA ALA B 256 17.43 44.06 -6.00
C ALA B 256 18.34 43.33 -5.03
N THR B 257 19.61 43.25 -5.41
CA THR B 257 20.61 42.63 -4.57
C THR B 257 21.62 43.76 -4.36
N TYR B 258 22.29 43.76 -3.22
CA TYR B 258 23.26 44.81 -2.93
C TYR B 258 24.50 44.17 -2.34
N ALA B 259 25.56 44.14 -3.13
CA ALA B 259 26.82 43.55 -2.70
C ALA B 259 27.30 44.25 -1.44
N HIS B 260 27.75 43.46 -0.47
CA HIS B 260 28.25 44.03 0.77
C HIS B 260 29.49 44.87 0.51
N ARG B 261 29.50 46.09 1.02
CA ARG B 261 30.66 46.97 0.84
C ARG B 261 31.41 47.03 2.16
N LEU B 262 30.73 46.59 3.21
CA LEU B 262 31.29 46.54 4.55
C LEU B 262 30.99 45.16 5.08
N ASP B 263 31.81 44.66 6.00
CA ASP B 263 31.58 43.35 6.59
C ASP B 263 30.10 43.28 6.98
N PRO B 264 29.40 42.22 6.56
CA PRO B 264 27.97 42.06 6.88
C PRO B 264 27.63 41.71 8.32
N HIS B 265 28.63 41.55 9.18
CA HIS B 265 28.34 41.23 10.57
C HIS B 265 28.26 42.49 11.43
N ASP B 266 27.63 42.35 12.59
CA ASP B 266 27.49 43.45 13.54
C ASP B 266 26.71 44.67 13.08
N ILE B 267 25.76 44.49 12.19
CA ILE B 267 24.92 45.59 11.73
C ILE B 267 23.83 45.65 12.80
N ASN B 268 24.02 46.50 13.80
CA ASN B 268 23.07 46.59 14.90
C ASN B 268 22.39 47.93 15.08
N GLY B 269 22.35 48.71 14.01
CA GLY B 269 21.70 50.01 14.06
C GLY B 269 20.67 50.11 12.96
N LEU B 270 19.53 50.73 13.25
CA LEU B 270 18.47 50.91 12.28
C LEU B 270 17.92 52.33 12.41
N GLN B 271 17.80 53.02 11.28
CA GLN B 271 17.23 54.37 11.26
C GLN B 271 16.22 54.42 10.12
N ILE B 272 15.12 55.14 10.33
CA ILE B 272 14.11 55.31 9.29
C ILE B 272 13.67 56.77 9.33
N GLY B 273 13.68 57.43 8.18
CA GLY B 273 13.26 58.82 8.14
C GLY B 273 12.61 59.19 6.83
N GLY B 274 12.10 60.41 6.73
CA GLY B 274 11.45 60.84 5.51
C GLY B 274 9.95 60.80 5.59
N ASP B 275 9.31 60.94 4.44
CA ASP B 275 7.85 60.96 4.37
C ASP B 275 7.26 59.55 4.36
N VAL B 276 7.18 58.95 5.54
CA VAL B 276 6.69 57.59 5.66
C VAL B 276 6.18 57.30 7.06
N GLU B 277 5.24 56.37 7.15
CA GLU B 277 4.68 55.91 8.42
C GLU B 277 5.08 54.43 8.56
N VAL B 278 5.58 54.04 9.74
CA VAL B 278 5.99 52.67 9.97
C VAL B 278 5.01 52.00 10.91
N THR B 279 4.55 50.81 10.52
CA THR B 279 3.57 50.08 11.33
C THR B 279 4.08 48.74 11.84
N GLY B 280 5.26 48.35 11.39
CA GLY B 280 5.81 47.08 11.84
C GLY B 280 7.29 46.91 11.54
N ILE B 281 8.03 46.40 12.51
CA ILE B 281 9.45 46.15 12.32
C ILE B 281 9.74 44.83 12.99
N GLN B 282 10.24 43.86 12.23
CA GLN B 282 10.56 42.58 12.83
C GLN B 282 11.83 41.97 12.29
N MET B 283 12.61 41.42 13.22
CA MET B 283 13.86 40.77 12.91
C MET B 283 13.63 39.27 12.94
N VAL B 284 14.02 38.59 11.87
CA VAL B 284 13.86 37.14 11.76
C VAL B 284 15.21 36.44 11.57
C1 NAG C . -26.76 -55.33 -8.54
C2 NAG C . -27.80 -55.40 -9.66
C3 NAG C . -28.45 -54.02 -9.82
C4 NAG C . -29.08 -53.60 -8.48
C5 NAG C . -27.98 -53.59 -7.41
C6 NAG C . -28.50 -53.24 -6.03
C7 NAG C . -27.24 -57.08 -11.31
C8 NAG C . -26.72 -57.39 -12.70
N2 NAG C . -27.17 -55.81 -10.90
O1 NAG C . -26.29 -56.59 -8.36
O3 NAG C . -29.43 -54.05 -10.85
O4 NAG C . -29.67 -52.29 -8.59
O5 NAG C . -27.39 -54.91 -7.31
O6 NAG C . -29.40 -54.22 -5.55
O7 NAG C . -27.71 -57.99 -10.62
C1 GAL C . -30.93 -52.14 -8.02
C2 GAL C . -31.32 -50.66 -8.01
C3 GAL C . -32.75 -50.48 -7.49
C4 GAL C . -33.73 -51.38 -8.26
C5 GAL C . -33.21 -52.83 -8.28
C6 GAL C . -34.06 -53.74 -9.14
O2 GAL C . -30.42 -49.95 -7.19
O3 GAL C . -33.14 -49.12 -7.63
O4 GAL C . -33.87 -50.89 -9.59
O5 GAL C . -31.87 -52.89 -8.81
O6 GAL C . -33.56 -55.06 -9.12
C1 NAG D . 21.81 62.19 0.75
C2 NAG D . 22.36 63.60 0.45
C3 NAG D . 22.02 63.96 -1.00
C4 NAG D . 22.61 62.91 -1.94
C5 NAG D . 22.06 61.53 -1.55
C6 NAG D . 22.62 60.40 -2.39
C7 NAG D . 22.45 64.97 2.45
C8 NAG D . 21.86 66.11 3.25
N2 NAG D . 21.78 64.56 1.37
O1 NAG D . 22.00 61.93 2.22
O3 NAG D . 22.52 65.26 -1.32
O4 NAG D . 22.30 63.21 -3.31
O5 NAG D . 22.38 61.25 -0.17
O6 NAG D . 24.01 60.24 -2.17
O7 NAG D . 23.53 64.46 2.80
C1 GAL D . 23.33 63.09 -4.23
C2 GAL D . 22.76 63.21 -5.64
C3 GAL D . 23.91 63.19 -6.67
C4 GAL D . 24.97 64.24 -6.33
C5 GAL D . 25.41 64.09 -4.86
C6 GAL D . 26.36 65.17 -4.42
O2 GAL D . 21.88 62.13 -5.90
O3 GAL D . 23.38 63.45 -7.98
O4 GAL D . 24.45 65.53 -6.55
O5 GAL D . 24.27 64.14 -3.98
O6 GAL D . 26.75 64.98 -3.07
C1 NAG E . -22.65 37.72 10.51
C2 NAG E . -23.70 36.59 10.50
C3 NAG E . -24.71 36.88 9.38
C4 NAG E . -25.35 38.24 9.63
C5 NAG E . -24.23 39.30 9.67
C6 NAG E . -24.75 40.71 9.95
C7 NAG E . -22.78 34.50 11.30
C8 NAG E . -22.27 33.11 10.97
N2 NAG E . -23.03 35.31 10.27
O1 NAG E . -21.60 37.46 11.44
O3 NAG E . -25.70 35.86 9.34
O4 NAG E . -26.30 38.55 8.59
O5 NAG E . -23.29 38.98 10.72
O6 NAG E . -25.31 40.79 11.25
O7 NAG E . -22.93 34.83 12.48
C1 GAL E . -27.51 39.09 8.99
C2 GAL E . -28.29 39.58 7.76
C3 GAL E . -29.68 40.07 8.18
C4 GAL E . -30.42 39.01 9.01
C5 GAL E . -29.52 38.53 10.16
C6 GAL E . -30.13 37.37 10.93
O2 GAL E . -27.59 40.63 7.14
O3 GAL E . -30.44 40.38 7.02
O4 GAL E . -30.77 37.91 8.17
O5 GAL E . -28.24 38.06 9.66
O6 GAL E . -29.27 36.97 12.00
#